data_2HKH
#
_entry.id   2HKH
#
_cell.length_a   40.982
_cell.length_b   43.154
_cell.length_c   57.370
_cell.angle_alpha   85.30
_cell.angle_beta   88.45
_cell.angle_gamma   84.29
#
_symmetry.space_group_name_H-M   'P 1'
#
loop_
_entity.id
_entity.type
_entity.pdbx_description
1 polymer 'Immunoglobulin Light chain Fab fragment'
2 polymer 'Immunoglobulin Heavy chain Fab fragment'
3 non-polymer GLYCEROL
4 water water
#
loop_
_entity_poly.entity_id
_entity_poly.type
_entity_poly.pdbx_seq_one_letter_code
_entity_poly.pdbx_strand_id
1 'polypeptide(L)'
;DVVMTQTPLSLPVSLGDQASISCRSSQSLVHSNGNTYLHWYLQKPGQSPNLLIYKVSNRFSGVPDRFSGSGSGTDFTLKI
SRVEAEDLGVYFCSQSTHVPFTFGSGTKLEIKRADAAPTVSIFPPSSEQLTSGGASVVCFLNNFYPKDINVKWKIDGSER
QNGVLNSWTDQDSKDSTYSMSSTLTLTKDEYERHNSYTCEATHKTSTSPIVKSFNRNEC
;
L
2 'polypeptide(L)'
;EVQVVESGGGLVQPKGSLKLSCVVSGSTLNNYAMNWVRQAPGKGLEWVARIRSKSNNYATYYADSVKDRFTISRDDSQSM
IYLQMNNLKTEDTAMYYCVTYGNHPFAYWGQGTLVTVSAAKTTPPSVYPLAPGCGDTTGSSVTLGCLVKGYFPESVTVTW
NSGSLSSSVHTFPALLQSGLYTMSSSVTVPSSTWPSQTVTCSVAHPASSTTVDKKLEP
;
H
#
loop_
_chem_comp.id
_chem_comp.type
_chem_comp.name
_chem_comp.formula
GOL non-polymer GLYCEROL 'C3 H8 O3'
#
# COMPACT_ATOMS: atom_id res chain seq x y z
N ASP A 1 4.23 19.37 15.78
CA ASP A 1 4.61 18.26 14.85
C ASP A 1 6.03 17.75 15.12
N VAL A 2 6.14 16.75 15.98
CA VAL A 2 7.42 16.11 16.17
C VAL A 2 7.62 15.09 15.04
N VAL A 3 8.66 15.32 14.24
CA VAL A 3 9.05 14.43 13.15
C VAL A 3 9.73 13.17 13.70
N MET A 4 9.32 12.01 13.19
CA MET A 4 9.85 10.71 13.62
C MET A 4 10.58 10.01 12.46
N THR A 5 11.90 9.93 12.58
CA THR A 5 12.74 9.47 11.48
C THR A 5 13.22 8.04 11.74
N GLN A 6 12.75 7.12 10.90
CA GLN A 6 13.15 5.71 10.96
C GLN A 6 14.30 5.43 10.00
N THR A 7 15.19 4.54 10.41
CA THR A 7 16.30 4.11 9.58
C THR A 7 16.74 2.69 9.96
N PRO A 8 16.86 1.80 8.96
CA PRO A 8 16.66 2.12 7.54
C PRO A 8 15.16 2.16 7.17
N LEU A 9 14.84 2.60 5.95
CA LEU A 9 13.45 2.52 5.47
C LEU A 9 13.11 1.10 4.98
N SER A 10 14.14 0.36 4.60
CA SER A 10 14.01 -1.05 4.20
C SER A 10 15.13 -1.89 4.81
N LEU A 11 14.78 -2.99 5.46
CA LEU A 11 15.78 -3.83 6.11
C LEU A 11 15.74 -5.28 5.63
N PRO A 12 16.58 -5.63 4.65
CA PRO A 12 16.73 -7.01 4.21
C PRO A 12 17.37 -7.88 5.28
N VAL A 13 16.67 -8.93 5.70
CA VAL A 13 17.21 -9.85 6.71
C VAL A 13 17.10 -11.34 6.31
N SER A 14 18.07 -12.14 6.73
CA SER A 14 17.99 -13.59 6.60
C SER A 14 17.27 -14.12 7.83
N LEU A 15 16.38 -15.09 7.65
CA LEU A 15 15.68 -15.70 8.78
C LEU A 15 16.66 -16.27 9.81
N GLY A 16 16.52 -15.83 11.07
CA GLY A 16 17.39 -16.26 12.16
C GLY A 16 18.45 -15.25 12.55
N ASP A 17 18.65 -14.25 11.69
CA ASP A 17 19.60 -13.17 11.94
C ASP A 17 19.00 -12.21 12.95
N GLN A 18 19.88 -11.43 13.58
CA GLN A 18 19.48 -10.29 14.41
C GLN A 18 19.20 -9.10 13.51
N ALA A 19 18.17 -8.34 13.87
CA ALA A 19 17.81 -7.09 13.20
C ALA A 19 17.55 -5.96 14.20
N SER A 20 17.94 -4.75 13.81
CA SER A 20 17.75 -3.57 14.64
C SER A 20 17.21 -2.44 13.80
N ILE A 21 16.30 -1.67 14.40
CA ILE A 21 15.68 -0.53 13.73
C ILE A 21 15.80 0.71 14.62
N SER A 22 16.18 1.84 14.04
CA SER A 22 16.33 3.03 14.86
C SER A 22 15.23 4.03 14.58
N CYS A 23 14.84 4.75 15.62
CA CYS A 23 13.81 5.76 15.54
C CYS A 23 14.30 7.02 16.28
N ARG A 24 14.37 8.12 15.56
CA ARG A 24 14.82 9.37 16.13
C ARG A 24 13.74 10.43 16.01
N SER A 25 13.69 11.33 16.98
CA SER A 25 12.62 12.29 17.07
C SER A 25 13.13 13.72 17.05
N SER A 26 12.30 14.62 16.51
CA SER A 26 12.60 16.06 16.43
C SER A 26 13.06 16.70 17.71
N GLN A 27 12.33 16.41 18.79
CA GLN A 27 12.68 16.87 20.12
C GLN A 27 12.45 15.73 21.11
N SER A 28 12.80 15.97 22.37
CA SER A 28 12.69 14.96 23.42
C SER A 28 11.28 14.41 23.64
N LEU A 29 11.20 13.08 23.75
CA LEU A 29 9.93 12.42 23.97
C LEU A 29 9.61 12.20 25.43
N VAL A 30 10.45 12.75 26.31
CA VAL A 30 10.19 12.68 27.75
C VAL A 30 9.13 13.71 28.09
N HIS A 31 8.04 13.22 28.66
CA HIS A 31 6.90 14.04 29.08
C HIS A 31 7.25 14.75 30.39
N SER A 32 6.49 15.80 30.71
CA SER A 32 6.59 16.50 32.00
C SER A 32 6.40 15.59 33.21
N ASN A 33 5.59 14.53 33.06
CA ASN A 33 5.33 13.60 34.15
C ASN A 33 6.48 12.60 34.36
N GLY A 34 7.46 12.67 33.46
CA GLY A 34 8.68 11.87 33.57
C GLY A 34 8.69 10.66 32.64
N ASN A 35 7.51 10.30 32.12
CA ASN A 35 7.37 9.14 31.23
C ASN A 35 7.84 9.47 29.81
N THR A 36 8.27 8.45 29.08
CA THR A 36 8.69 8.59 27.68
C THR A 36 7.77 7.78 26.77
N TYR A 37 6.97 8.50 26.01
CA TYR A 37 5.89 7.88 25.27
C TYR A 37 6.26 7.45 23.84
N LEU A 38 7.22 6.52 23.73
CA LEU A 38 7.63 5.97 22.44
C LEU A 38 7.25 4.51 22.35
N HIS A 39 6.55 4.15 21.26
CA HIS A 39 6.03 2.81 21.05
C HIS A 39 6.45 2.19 19.69
N TRP A 40 6.45 0.86 19.63
CA TRP A 40 6.74 0.10 18.41
C TRP A 40 5.56 -0.75 18.02
N TYR A 41 5.20 -0.68 16.74
CA TYR A 41 4.09 -1.45 16.15
C TYR A 41 4.62 -2.26 15.01
N LEU A 42 4.06 -3.45 14.89
CA LEU A 42 4.22 -4.27 13.70
C LEU A 42 2.90 -4.34 12.92
N GLN A 43 2.95 -3.97 11.64
CA GLN A 43 1.84 -4.20 10.71
C GLN A 43 2.24 -5.20 9.63
N LYS A 44 1.53 -6.32 9.62
CA LYS A 44 1.80 -7.41 8.72
C LYS A 44 0.94 -7.17 7.50
N PRO A 45 1.22 -7.87 6.38
CA PRO A 45 0.48 -7.52 5.17
C PRO A 45 -1.01 -7.89 5.27
N GLY A 46 -1.87 -6.98 4.83
CA GLY A 46 -3.30 -7.17 4.94
C GLY A 46 -3.88 -6.89 6.31
N GLN A 47 -3.04 -6.84 7.34
CA GLN A 47 -3.48 -6.78 8.74
C GLN A 47 -3.39 -5.38 9.38
N SER A 48 -4.14 -5.16 10.45
CA SER A 48 -3.98 -3.94 11.24
C SER A 48 -2.76 -4.06 12.14
N PRO A 49 -2.18 -2.91 12.57
CA PRO A 49 -1.01 -2.94 13.44
C PRO A 49 -1.21 -3.71 14.76
N ASN A 50 -0.12 -4.31 15.23
CA ASN A 50 -0.03 -4.88 16.58
C ASN A 50 0.94 -4.06 17.41
N LEU A 51 0.57 -3.77 18.66
CA LEU A 51 1.50 -3.17 19.63
C LEU A 51 2.53 -4.20 20.08
N LEU A 52 3.79 -3.86 19.88
CA LEU A 52 4.88 -4.71 20.29
C LEU A 52 5.47 -4.23 21.62
N ILE A 53 5.79 -2.94 21.67
CA ILE A 53 6.50 -2.34 22.81
C ILE A 53 5.88 -0.98 23.08
N TYR A 54 5.61 -0.69 24.35
CA TYR A 54 5.16 0.63 24.76
C TYR A 54 6.14 1.24 25.76
N LYS A 55 6.14 2.57 25.79
CA LYS A 55 7.05 3.38 26.59
C LYS A 55 8.48 2.86 26.51
N VAL A 56 9.01 2.82 25.28
CA VAL A 56 10.41 2.54 25.01
C VAL A 56 10.78 1.06 25.07
N SER A 57 10.42 0.41 26.18
CA SER A 57 10.98 -0.91 26.52
C SER A 57 10.03 -1.86 27.25
N ASN A 58 8.74 -1.54 27.25
CA ASN A 58 7.73 -2.42 27.87
C ASN A 58 7.06 -3.27 26.80
N ARG A 59 7.34 -4.57 26.84
CA ARG A 59 6.77 -5.50 25.89
C ARG A 59 5.27 -5.70 26.18
N PHE A 60 4.46 -5.71 25.12
CA PHE A 60 3.02 -5.89 25.30
C PHE A 60 2.73 -7.35 25.65
N SER A 61 1.60 -7.59 26.32
CA SER A 61 1.12 -8.93 26.65
C SER A 61 1.23 -9.84 25.44
N GLY A 62 2.02 -10.90 25.58
CA GLY A 62 2.17 -11.91 24.53
C GLY A 62 3.22 -11.65 23.46
N VAL A 63 3.72 -10.42 23.35
CA VAL A 63 4.81 -10.13 22.40
C VAL A 63 6.06 -10.90 22.82
N PRO A 64 6.60 -11.76 21.91
CA PRO A 64 7.69 -12.70 22.18
C PRO A 64 8.92 -12.00 22.73
N ASP A 65 9.66 -12.65 23.61
CA ASP A 65 10.78 -11.94 24.24
C ASP A 65 12.03 -11.77 23.32
N ARG A 66 11.90 -12.14 22.05
CA ARG A 66 12.95 -11.86 21.06
C ARG A 66 12.90 -10.38 20.61
N PHE A 67 11.75 -9.75 20.78
CA PHE A 67 11.58 -8.31 20.58
C PHE A 67 11.96 -7.57 21.85
N SER A 68 12.82 -6.57 21.71
CA SER A 68 13.09 -5.62 22.79
C SER A 68 13.30 -4.20 22.25
N GLY A 69 13.02 -3.23 23.11
CA GLY A 69 13.14 -1.82 22.76
C GLY A 69 14.08 -1.12 23.74
N SER A 70 14.83 -0.17 23.21
CA SER A 70 15.81 0.53 24.03
C SER A 70 15.93 1.99 23.60
N GLY A 71 16.66 2.76 24.38
CA GLY A 71 16.97 4.13 23.99
C GLY A 71 16.47 5.09 25.03
N SER A 72 16.61 6.38 24.73
CA SER A 72 16.12 7.42 25.61
C SER A 72 16.06 8.76 24.91
N GLY A 73 15.18 9.63 25.42
CA GLY A 73 15.06 10.99 24.97
C GLY A 73 14.58 11.12 23.54
N THR A 74 15.54 11.10 22.62
CA THR A 74 15.30 11.36 21.21
C THR A 74 15.71 10.15 20.37
N ASP A 75 16.39 9.21 20.99
CA ASP A 75 17.14 8.18 20.29
C ASP A 75 16.73 6.79 20.73
N PHE A 76 16.06 6.06 19.85
CA PHE A 76 15.45 4.76 20.19
C PHE A 76 15.78 3.65 19.18
N THR A 77 15.68 2.40 19.63
CA THR A 77 16.10 1.22 18.86
C THR A 77 15.21 0.02 19.20
N LEU A 78 14.65 -0.60 18.17
CA LEU A 78 13.98 -1.88 18.30
C LEU A 78 14.94 -2.92 17.80
N LYS A 79 15.08 -3.99 18.57
CA LYS A 79 16.01 -5.05 18.27
C LYS A 79 15.22 -6.36 18.23
N ILE A 80 15.36 -7.08 17.13
CA ILE A 80 14.76 -8.42 17.03
C ILE A 80 15.85 -9.45 17.12
N SER A 81 15.70 -10.33 18.09
CA SER A 81 16.70 -11.28 18.52
C SER A 81 17.06 -12.27 17.41
N ARG A 82 16.06 -13.02 16.95
CA ARG A 82 16.23 -13.95 15.84
C ARG A 82 14.95 -13.84 15.02
N VAL A 83 15.05 -13.29 13.81
CA VAL A 83 13.88 -12.98 12.99
C VAL A 83 13.20 -14.27 12.50
N GLU A 84 11.95 -14.50 12.93
CA GLU A 84 11.07 -15.52 12.33
C GLU A 84 10.21 -14.93 11.19
N ALA A 85 9.71 -15.81 10.31
CA ALA A 85 8.89 -15.40 9.16
C ALA A 85 7.64 -14.61 9.58
N GLU A 86 7.04 -15.03 10.69
CA GLU A 86 5.92 -14.34 11.34
C GLU A 86 6.25 -12.85 11.67
N ASP A 87 7.52 -12.48 11.56
CA ASP A 87 8.01 -11.18 11.98
C ASP A 87 8.01 -10.18 10.85
N LEU A 88 7.88 -10.69 9.64
CA LEU A 88 7.98 -9.84 8.47
C LEU A 88 6.79 -8.93 8.34
N GLY A 89 7.09 -7.65 8.11
CA GLY A 89 6.07 -6.66 7.85
C GLY A 89 6.67 -5.27 7.88
N VAL A 90 5.87 -4.30 8.25
CA VAL A 90 6.36 -2.93 8.40
C VAL A 90 6.37 -2.56 9.90
N TYR A 91 7.52 -2.12 10.40
CA TYR A 91 7.66 -1.65 11.78
C TYR A 91 7.50 -0.14 11.90
N PHE A 92 6.57 0.31 12.73
CA PHE A 92 6.35 1.74 12.95
C PHE A 92 6.72 2.11 14.37
N CYS A 93 7.51 3.16 14.56
CA CYS A 93 7.62 3.80 15.87
C CYS A 93 6.62 4.95 15.94
N SER A 94 6.13 5.23 17.14
CA SER A 94 5.08 6.23 17.34
C SER A 94 5.38 7.01 18.62
N GLN A 95 5.01 8.30 18.63
CA GLN A 95 5.15 9.08 19.85
C GLN A 95 3.80 9.68 20.31
N SER A 96 3.49 9.54 21.58
CA SER A 96 2.28 10.15 22.12
C SER A 96 2.60 11.06 23.29
N THR A 97 3.77 11.70 23.24
CA THR A 97 4.14 12.66 24.27
C THR A 97 3.53 14.02 23.88
N HIS A 98 3.76 14.42 22.63
CA HIS A 98 3.35 15.77 22.17
C HIS A 98 2.24 15.64 21.15
N VAL A 99 1.30 16.58 21.22
CA VAL A 99 0.21 16.67 20.26
C VAL A 99 0.68 17.57 19.10
N PRO A 100 0.45 17.14 17.84
CA PRO A 100 -0.26 15.90 17.47
C PRO A 100 0.60 14.64 17.55
N PHE A 101 0.03 13.53 18.03
CA PHE A 101 0.78 12.26 18.05
C PHE A 101 1.25 11.94 16.65
N THR A 102 2.49 11.46 16.52
CA THR A 102 3.08 11.21 15.20
C THR A 102 3.66 9.78 15.07
N PHE A 103 3.91 9.38 13.82
CA PHE A 103 4.41 8.05 13.52
C PHE A 103 5.64 8.19 12.64
N GLY A 104 6.55 7.21 12.74
CA GLY A 104 7.65 7.09 11.78
C GLY A 104 7.07 6.68 10.44
N SER A 105 7.87 6.72 9.38
CA SER A 105 7.42 6.32 8.03
C SER A 105 7.33 4.80 7.79
N GLY A 106 7.79 4.01 8.75
CA GLY A 106 7.77 2.56 8.61
C GLY A 106 9.05 1.99 8.04
N THR A 107 9.43 0.83 8.53
CA THR A 107 10.59 0.08 8.09
C THR A 107 10.08 -1.30 7.69
N LYS A 108 10.15 -1.61 6.40
CA LYS A 108 9.71 -2.91 5.94
C LYS A 108 10.80 -3.93 6.29
N LEU A 109 10.43 -4.98 7.02
CA LEU A 109 11.38 -6.05 7.24
C LEU A 109 11.14 -7.11 6.17
N GLU A 110 12.15 -7.33 5.34
CA GLU A 110 12.02 -8.20 4.16
C GLU A 110 13.10 -9.29 4.10
N ILE A 111 12.84 -10.33 3.32
CA ILE A 111 13.82 -11.41 3.15
C ILE A 111 15.01 -11.01 2.26
N LYS A 112 16.20 -11.23 2.81
CA LYS A 112 17.45 -11.15 2.05
C LYS A 112 17.59 -12.32 1.09
N ARG A 113 17.92 -12.01 -0.16
CA ARG A 113 18.23 -13.01 -1.18
C ARG A 113 19.34 -12.48 -2.07
N ALA A 114 19.80 -13.28 -3.03
CA ALA A 114 20.78 -12.84 -3.99
C ALA A 114 20.13 -11.87 -4.95
N ASP A 115 20.89 -10.87 -5.40
CA ASP A 115 20.43 -10.05 -6.53
C ASP A 115 19.99 -10.92 -7.72
N ALA A 116 19.00 -10.39 -8.45
CA ALA A 116 18.50 -10.97 -9.68
C ALA A 116 18.12 -9.82 -10.61
N ALA A 117 18.48 -9.94 -11.88
CA ALA A 117 18.16 -8.97 -12.89
C ALA A 117 16.72 -9.17 -13.34
N PRO A 118 16.01 -8.08 -13.67
CA PRO A 118 14.62 -8.22 -14.14
C PRO A 118 14.46 -8.81 -15.54
N THR A 119 13.32 -9.46 -15.75
CA THR A 119 12.96 -9.98 -17.05
C THR A 119 11.94 -9.01 -17.59
N VAL A 120 12.34 -8.35 -18.67
CA VAL A 120 11.63 -7.21 -19.17
C VAL A 120 10.91 -7.58 -20.47
N SER A 121 9.60 -7.32 -20.47
CA SER A 121 8.71 -7.52 -21.61
C SER A 121 8.05 -6.18 -21.95
N ILE A 122 8.04 -5.83 -23.24
CA ILE A 122 7.28 -4.67 -23.72
C ILE A 122 6.07 -5.17 -24.52
N PHE A 123 4.96 -4.41 -24.44
CA PHE A 123 3.71 -4.76 -25.16
C PHE A 123 3.10 -3.55 -25.83
N PRO A 124 2.73 -3.72 -27.11
CA PRO A 124 2.12 -2.63 -27.87
C PRO A 124 0.62 -2.46 -27.60
N PRO A 125 0.08 -1.27 -27.93
CA PRO A 125 -1.34 -1.05 -27.80
C PRO A 125 -2.10 -2.19 -28.46
N SER A 126 -3.13 -2.71 -27.79
CA SER A 126 -3.95 -3.73 -28.40
C SER A 126 -4.88 -3.06 -29.41
N SER A 127 -5.30 -3.84 -30.41
CA SER A 127 -6.19 -3.34 -31.46
C SER A 127 -7.57 -3.01 -30.87
N GLU A 128 -7.96 -3.75 -29.82
CA GLU A 128 -9.14 -3.48 -29.01
C GLU A 128 -9.12 -2.06 -28.44
N GLN A 129 -7.99 -1.66 -27.88
CA GLN A 129 -7.89 -0.36 -27.24
C GLN A 129 -7.79 0.75 -28.27
N LEU A 130 -7.19 0.41 -29.40
CA LEU A 130 -7.04 1.33 -30.51
C LEU A 130 -8.38 1.70 -31.14
N THR A 131 -9.26 0.71 -31.26
CA THR A 131 -10.64 0.95 -31.71
C THR A 131 -11.32 2.04 -30.87
N SER A 132 -10.99 2.08 -29.58
CA SER A 132 -11.64 3.02 -28.64
C SER A 132 -10.98 4.41 -28.52
N GLY A 133 -9.87 4.63 -29.22
CA GLY A 133 -9.26 5.95 -29.32
C GLY A 133 -8.08 6.19 -28.38
N GLY A 134 -7.71 5.14 -27.64
CA GLY A 134 -6.55 5.21 -26.75
C GLY A 134 -5.45 4.20 -27.12
N ALA A 135 -4.30 4.33 -26.47
CA ALA A 135 -3.14 3.48 -26.79
C ALA A 135 -2.20 3.29 -25.60
N SER A 136 -2.39 2.21 -24.84
CA SER A 136 -1.48 1.93 -23.71
C SER A 136 -0.30 1.05 -24.13
N VAL A 137 0.89 1.48 -23.72
CA VAL A 137 2.12 0.73 -23.98
C VAL A 137 2.60 0.30 -22.60
N VAL A 138 2.87 -1.01 -22.47
CA VAL A 138 3.05 -1.63 -21.16
C VAL A 138 4.37 -2.40 -21.06
N CYS A 139 5.12 -2.14 -19.98
CA CYS A 139 6.29 -2.93 -19.70
C CYS A 139 6.19 -3.69 -18.40
N PHE A 140 6.38 -5.01 -18.48
CA PHE A 140 6.62 -5.81 -17.29
C PHE A 140 8.09 -5.98 -16.95
N LEU A 141 8.41 -5.76 -15.68
CA LEU A 141 9.78 -5.94 -15.18
C LEU A 141 9.70 -6.93 -14.04
N ASN A 142 10.02 -8.18 -14.34
CA ASN A 142 9.60 -9.26 -13.48
C ASN A 142 10.73 -10.01 -12.80
N ASN A 143 10.49 -10.35 -11.54
CA ASN A 143 11.37 -11.22 -10.73
C ASN A 143 12.79 -10.71 -10.48
N PHE A 144 12.90 -9.47 -10.01
CA PHE A 144 14.18 -8.86 -9.69
C PHE A 144 14.43 -8.63 -8.20
N TYR A 145 15.70 -8.48 -7.84
CA TYR A 145 16.13 -8.20 -6.48
C TYR A 145 17.42 -7.41 -6.52
N PRO A 146 17.53 -6.34 -5.71
CA PRO A 146 16.56 -5.79 -4.75
C PRO A 146 15.47 -4.92 -5.41
N LYS A 147 14.57 -4.38 -4.59
CA LYS A 147 13.31 -3.79 -5.10
C LYS A 147 13.49 -2.47 -5.83
N ASP A 148 14.56 -1.77 -5.52
CA ASP A 148 14.82 -0.47 -6.14
C ASP A 148 15.10 -0.65 -7.62
N ILE A 149 14.41 0.18 -8.41
CA ILE A 149 14.42 0.13 -9.87
C ILE A 149 13.68 1.35 -10.39
N ASN A 150 14.23 2.01 -11.39
CA ASN A 150 13.46 3.02 -12.10
C ASN A 150 13.30 2.59 -13.54
N VAL A 151 12.20 3.01 -14.12
CA VAL A 151 11.89 2.76 -15.52
C VAL A 151 11.82 4.13 -16.16
N LYS A 152 12.45 4.26 -17.32
CA LYS A 152 12.28 5.44 -18.18
C LYS A 152 11.55 5.09 -19.47
N TRP A 153 10.60 5.94 -19.86
CA TRP A 153 9.93 5.79 -21.15
C TRP A 153 10.53 6.83 -22.09
N LYS A 154 10.82 6.40 -23.32
CA LYS A 154 11.26 7.29 -24.39
C LYS A 154 10.41 7.13 -25.63
N ILE A 155 9.94 8.24 -26.17
CA ILE A 155 9.19 8.20 -27.43
C ILE A 155 10.08 8.85 -28.49
N ASP A 156 10.40 8.11 -29.57
CA ASP A 156 11.39 8.55 -30.61
C ASP A 156 12.68 9.09 -30.02
N GLY A 157 13.17 8.42 -28.98
CA GLY A 157 14.44 8.79 -28.35
C GLY A 157 14.43 9.83 -27.24
N SER A 158 13.35 10.58 -27.08
CA SER A 158 13.22 11.58 -25.99
C SER A 158 12.35 11.07 -24.85
N GLU A 159 12.81 11.30 -23.63
CA GLU A 159 12.11 10.88 -22.43
C GLU A 159 10.74 11.53 -22.34
N ARG A 160 9.79 10.79 -21.78
CA ARG A 160 8.40 11.17 -21.66
C ARG A 160 7.95 10.90 -20.22
N GLN A 161 7.30 11.91 -19.64
CA GLN A 161 6.76 11.83 -18.28
C GLN A 161 5.23 11.72 -18.24
N ASN A 162 4.53 12.49 -19.09
CA ASN A 162 3.07 12.45 -19.16
C ASN A 162 2.56 11.04 -19.51
N GLY A 163 1.59 10.55 -18.73
CA GLY A 163 0.84 9.32 -19.05
C GLY A 163 1.38 8.01 -18.50
N VAL A 164 2.37 8.09 -17.62
CA VAL A 164 3.06 6.93 -17.08
C VAL A 164 2.55 6.67 -15.67
N LEU A 165 2.19 5.42 -15.40
CA LEU A 165 1.70 5.00 -14.10
C LEU A 165 2.40 3.70 -13.78
N ASN A 166 2.95 3.61 -12.58
CA ASN A 166 3.81 2.50 -12.15
C ASN A 166 3.17 1.65 -11.06
N SER A 167 3.48 0.35 -11.02
CA SER A 167 2.94 -0.55 -10.01
C SER A 167 3.95 -1.60 -9.56
N TRP A 168 4.26 -1.59 -8.26
CA TRP A 168 5.20 -2.53 -7.69
C TRP A 168 4.49 -3.56 -6.81
N THR A 169 4.87 -4.83 -6.96
CA THR A 169 4.32 -5.90 -6.13
C THR A 169 5.11 -5.95 -4.82
N ASP A 170 4.55 -6.62 -3.82
CA ASP A 170 5.33 -6.95 -2.63
C ASP A 170 6.26 -8.13 -2.90
N GLN A 171 7.17 -8.36 -1.97
CA GLN A 171 8.12 -9.47 -2.08
C GLN A 171 7.37 -10.77 -2.30
N ASP A 172 7.84 -11.53 -3.28
CA ASP A 172 7.21 -12.78 -3.65
C ASP A 172 7.31 -13.86 -2.56
N SER A 173 6.17 -14.51 -2.32
CA SER A 173 6.04 -15.70 -1.46
C SER A 173 7.13 -16.76 -1.60
N LYS A 174 7.44 -17.15 -2.84
CA LYS A 174 8.36 -18.27 -3.07
C LYS A 174 9.83 -17.82 -3.18
N ASP A 175 10.11 -17.01 -4.20
CA ASP A 175 11.47 -16.71 -4.57
C ASP A 175 12.01 -15.36 -4.03
N SER A 176 11.19 -14.68 -3.22
CA SER A 176 11.55 -13.39 -2.57
C SER A 176 11.99 -12.27 -3.52
N THR A 177 11.49 -12.32 -4.75
CA THR A 177 11.80 -11.30 -5.71
C THR A 177 10.70 -10.23 -5.71
N TYR A 178 10.87 -9.27 -6.59
CA TYR A 178 9.93 -8.19 -6.74
C TYR A 178 9.65 -8.07 -8.23
N SER A 179 8.44 -7.63 -8.54
CA SER A 179 8.08 -7.45 -9.94
C SER A 179 7.47 -6.08 -10.07
N MET A 180 7.42 -5.59 -11.29
CA MET A 180 6.87 -4.27 -11.51
C MET A 180 6.16 -4.17 -12.88
N SER A 181 5.16 -3.30 -12.95
CA SER A 181 4.45 -2.98 -14.20
C SER A 181 4.49 -1.47 -14.43
N SER A 182 4.73 -1.07 -15.69
CA SER A 182 4.74 0.32 -16.11
C SER A 182 3.94 0.51 -17.40
N THR A 183 3.01 1.45 -17.37
CA THR A 183 2.16 1.73 -18.53
C THR A 183 2.33 3.18 -18.98
N LEU A 184 2.64 3.37 -20.26
CA LEU A 184 2.57 4.69 -20.87
C LEU A 184 1.21 4.82 -21.56
N THR A 185 0.36 5.75 -21.12
CA THR A 185 -0.92 5.92 -21.80
C THR A 185 -0.97 7.19 -22.66
N LEU A 186 -1.21 6.94 -23.94
CA LEU A 186 -1.33 7.97 -24.96
C LEU A 186 -2.73 7.92 -25.55
N THR A 187 -3.02 8.87 -26.41
CA THR A 187 -4.18 8.80 -27.28
C THR A 187 -3.73 8.01 -28.52
N LYS A 188 -4.68 7.32 -29.17
CA LYS A 188 -4.43 6.68 -30.47
C LYS A 188 -3.71 7.66 -31.39
N ASP A 189 -4.18 8.91 -31.39
CA ASP A 189 -3.62 9.93 -32.27
C ASP A 189 -2.15 10.19 -32.00
N GLU A 190 -1.79 10.48 -30.76
CA GLU A 190 -0.38 10.68 -30.42
C GLU A 190 0.49 9.46 -30.69
N TYR A 191 -0.04 8.26 -30.44
CA TYR A 191 0.67 7.02 -30.75
C TYR A 191 1.00 6.94 -32.24
N GLU A 192 0.02 7.29 -33.07
CA GLU A 192 0.14 7.25 -34.52
C GLU A 192 1.02 8.38 -35.07
N ARG A 193 1.46 9.26 -34.17
CA ARG A 193 2.28 10.41 -34.55
C ARG A 193 3.73 10.07 -34.30
N HIS A 194 3.95 8.98 -33.55
CA HIS A 194 5.29 8.56 -33.20
C HIS A 194 5.51 7.07 -33.49
N ASN A 195 6.78 6.68 -33.58
CA ASN A 195 7.07 5.33 -34.02
C ASN A 195 7.86 4.46 -33.05
N SER A 196 8.81 5.05 -32.37
CA SER A 196 9.75 4.31 -31.52
C SER A 196 9.36 4.45 -30.05
N TYR A 197 9.00 3.33 -29.44
CA TYR A 197 8.56 3.32 -28.06
C TYR A 197 9.49 2.43 -27.25
N THR A 198 10.06 3.01 -26.20
CA THR A 198 11.12 2.37 -25.41
C THR A 198 10.86 2.48 -23.90
N CYS A 199 10.94 1.34 -23.21
CA CYS A 199 10.97 1.36 -21.75
C CYS A 199 12.35 0.87 -21.34
N GLU A 200 12.93 1.59 -20.40
CA GLU A 200 14.35 1.51 -20.17
C GLU A 200 14.60 1.52 -18.68
N ALA A 201 15.09 0.38 -18.20
CA ALA A 201 15.12 0.11 -16.79
C ALA A 201 16.52 0.20 -16.27
N THR A 202 16.66 0.64 -15.03
CA THR A 202 17.97 0.57 -14.42
C THR A 202 17.91 0.02 -13.01
N HIS A 203 18.84 -0.90 -12.74
CA HIS A 203 18.76 -1.76 -11.57
C HIS A 203 20.18 -2.14 -11.19
N LYS A 204 20.42 -2.25 -9.89
CA LYS A 204 21.68 -2.71 -9.32
C LYS A 204 22.49 -3.66 -10.23
N THR A 205 21.82 -4.57 -10.93
CA THR A 205 22.47 -5.75 -11.53
C THR A 205 23.33 -5.53 -12.80
N SER A 206 23.10 -4.43 -13.50
CA SER A 206 23.99 -3.99 -14.58
C SER A 206 24.08 -2.46 -14.55
N THR A 207 25.20 -1.92 -15.00
CA THR A 207 25.39 -0.46 -15.01
C THR A 207 24.78 0.16 -16.26
N SER A 208 24.45 -0.70 -17.23
CA SER A 208 23.84 -0.27 -18.48
C SER A 208 22.33 -0.53 -18.39
N PRO A 209 21.51 0.49 -18.71
CA PRO A 209 20.06 0.30 -18.67
C PRO A 209 19.62 -0.90 -19.52
N ILE A 210 18.56 -1.57 -19.07
CA ILE A 210 17.96 -2.63 -19.86
C ILE A 210 16.95 -1.93 -20.74
N VAL A 211 17.13 -2.10 -22.04
CA VAL A 211 16.30 -1.45 -23.05
C VAL A 211 15.41 -2.51 -23.67
N LYS A 212 14.12 -2.19 -23.76
CA LYS A 212 13.16 -2.94 -24.57
C LYS A 212 12.37 -1.93 -25.36
N SER A 213 12.31 -2.10 -26.68
CA SER A 213 11.45 -1.27 -27.49
C SER A 213 10.81 -2.00 -28.65
N PHE A 214 9.86 -1.33 -29.29
CA PHE A 214 9.33 -1.75 -30.56
C PHE A 214 9.10 -0.52 -31.42
N ASN A 215 8.88 -0.76 -32.71
CA ASN A 215 8.47 0.28 -33.62
C ASN A 215 7.03 0.06 -34.08
N ARG A 216 6.22 1.12 -33.96
CA ARG A 216 4.79 1.04 -34.26
C ARG A 216 4.56 0.53 -35.67
N ASN A 217 5.27 1.14 -36.62
CA ASN A 217 5.01 0.93 -38.05
C ASN A 217 5.12 -0.51 -38.52
N GLU A 218 5.80 -1.32 -37.71
CA GLU A 218 6.04 -2.74 -38.00
C GLU A 218 5.05 -3.71 -37.32
N CYS A 219 4.33 -3.23 -36.31
CA CYS A 219 3.46 -4.12 -35.51
C CYS A 219 2.34 -4.79 -36.30
N VAL B 2 -10.49 -8.38 25.50
CA VAL B 2 -11.57 -7.44 25.12
C VAL B 2 -11.04 -6.44 24.09
N GLN B 3 -11.92 -5.96 23.21
CA GLN B 3 -11.46 -5.17 22.06
C GLN B 3 -12.46 -4.16 21.46
N VAL B 4 -12.16 -3.76 20.23
CA VAL B 4 -12.77 -2.62 19.58
C VAL B 4 -13.33 -2.99 18.21
N VAL B 5 -14.55 -2.53 17.95
CA VAL B 5 -15.18 -2.66 16.65
C VAL B 5 -15.54 -1.27 16.11
N GLU B 6 -14.89 -0.88 15.03
CA GLU B 6 -15.23 0.33 14.29
C GLU B 6 -16.33 0.01 13.27
N SER B 7 -17.18 1.00 13.00
CA SER B 7 -18.20 0.95 11.95
C SER B 7 -18.55 2.35 11.40
N GLY B 8 -19.34 2.38 10.34
CA GLY B 8 -19.84 3.63 9.78
C GLY B 8 -19.22 4.01 8.45
N GLY B 9 -18.16 3.32 8.04
CA GLY B 9 -17.43 3.67 6.82
C GLY B 9 -18.29 3.50 5.58
N GLY B 10 -17.68 3.62 4.42
CA GLY B 10 -18.39 3.41 3.16
C GLY B 10 -17.96 4.42 2.13
N LEU B 11 -18.64 4.41 0.99
CA LEU B 11 -18.39 5.34 -0.10
C LEU B 11 -19.24 6.61 0.09
N VAL B 12 -18.57 7.76 0.08
CA VAL B 12 -19.22 9.07 0.22
C VAL B 12 -18.56 10.02 -0.80
N GLN B 13 -19.25 11.11 -1.17
CA GLN B 13 -18.75 12.05 -2.17
C GLN B 13 -17.95 13.19 -1.54
N PRO B 14 -17.03 13.81 -2.31
CA PRO B 14 -16.36 14.99 -1.79
C PRO B 14 -17.37 16.04 -1.30
N LYS B 15 -17.03 16.68 -0.18
CA LYS B 15 -17.90 17.61 0.58
C LYS B 15 -18.94 16.87 1.44
N GLY B 16 -19.00 15.55 1.30
CA GLY B 16 -19.93 14.74 2.07
C GLY B 16 -19.64 14.77 3.56
N SER B 17 -20.45 14.05 4.33
CA SER B 17 -20.24 13.96 5.77
C SER B 17 -20.50 12.53 6.21
N LEU B 18 -19.84 12.13 7.28
CA LEU B 18 -19.90 10.74 7.71
C LEU B 18 -19.71 10.67 9.21
N LYS B 19 -20.39 9.73 9.86
CA LYS B 19 -20.19 9.51 11.29
C LYS B 19 -19.74 8.07 11.58
N LEU B 20 -18.52 7.95 12.10
CA LEU B 20 -17.91 6.66 12.46
C LEU B 20 -18.14 6.36 13.91
N SER B 21 -18.37 5.09 14.21
CA SER B 21 -18.62 4.65 15.57
C SER B 21 -17.65 3.52 15.91
N CYS B 22 -17.38 3.38 17.20
CA CYS B 22 -16.42 2.43 17.70
C CYS B 22 -16.85 2.02 19.12
N VAL B 23 -16.96 0.71 19.33
CA VAL B 23 -17.50 0.12 20.54
C VAL B 23 -16.46 -0.74 21.27
N VAL B 24 -16.32 -0.50 22.57
CA VAL B 24 -15.41 -1.26 23.45
C VAL B 24 -16.03 -2.63 23.77
N SER B 25 -15.26 -3.54 24.34
CA SER B 25 -15.81 -4.85 24.68
C SER B 25 -16.20 -4.93 26.15
N GLY B 26 -15.73 -5.96 26.84
CA GLY B 26 -16.11 -6.21 28.23
C GLY B 26 -15.26 -5.52 29.26
N SER B 27 -14.53 -6.32 30.05
CA SER B 27 -13.63 -5.80 31.08
C SER B 27 -14.38 -5.28 32.29
N THR B 28 -14.29 -3.97 32.52
CA THR B 28 -15.00 -3.31 33.62
C THR B 28 -14.46 -1.91 33.95
N LEU B 29 -14.17 -1.12 32.91
CA LEU B 29 -13.70 0.27 33.05
C LEU B 29 -14.08 1.13 31.83
N ASN B 30 -14.49 2.37 32.07
CA ASN B 30 -14.73 3.37 31.01
C ASN B 30 -13.92 4.67 31.21
N ASN B 31 -12.98 4.61 32.15
CA ASN B 31 -12.04 5.68 32.45
C ASN B 31 -10.74 5.42 31.67
N TYR B 32 -10.73 5.94 30.44
CA TYR B 32 -9.62 5.77 29.48
C TYR B 32 -9.76 6.70 28.28
N ALA B 33 -8.64 7.06 27.67
CA ALA B 33 -8.63 7.92 26.49
C ALA B 33 -8.71 7.10 25.20
N MET B 34 -9.41 7.62 24.19
CA MET B 34 -9.53 6.93 22.90
C MET B 34 -9.01 7.80 21.74
N ASN B 35 -8.49 7.12 20.71
CA ASN B 35 -7.94 7.78 19.53
C ASN B 35 -8.51 7.20 18.23
N TRP B 36 -8.55 8.02 17.18
CA TRP B 36 -8.73 7.55 15.80
C TRP B 36 -7.39 7.73 15.05
N VAL B 37 -6.88 6.65 14.45
CA VAL B 37 -5.71 6.69 13.59
C VAL B 37 -6.22 6.23 12.22
N ARG B 38 -5.67 6.78 11.15
CA ARG B 38 -6.11 6.39 9.80
C ARG B 38 -4.93 5.95 8.90
N GLN B 39 -5.24 5.22 7.83
CA GLN B 39 -4.20 4.75 6.92
C GLN B 39 -4.72 4.73 5.50
N ALA B 40 -4.16 5.64 4.69
CA ALA B 40 -4.50 5.76 3.28
C ALA B 40 -3.93 4.58 2.57
N PRO B 41 -4.52 4.21 1.41
CA PRO B 41 -4.03 3.03 0.70
C PRO B 41 -2.54 3.15 0.33
N GLY B 42 -1.75 2.19 0.79
CA GLY B 42 -0.33 2.13 0.46
C GLY B 42 0.53 3.15 1.18
N LYS B 43 -0.02 3.71 2.26
CA LYS B 43 0.69 4.76 3.02
C LYS B 43 0.85 4.39 4.48
N GLY B 44 1.37 5.32 5.28
CA GLY B 44 1.65 5.07 6.68
C GLY B 44 0.51 5.47 7.59
N LEU B 45 0.73 5.34 8.88
CA LEU B 45 -0.25 5.65 9.90
C LEU B 45 -0.30 7.14 10.21
N GLU B 46 -1.52 7.68 10.31
CA GLU B 46 -1.72 9.08 10.69
C GLU B 46 -2.70 9.17 11.85
N TRP B 47 -2.24 9.73 12.95
CA TRP B 47 -3.11 10.00 14.08
C TRP B 47 -4.08 11.11 13.67
N VAL B 48 -5.35 10.95 14.02
CA VAL B 48 -6.37 11.89 13.61
C VAL B 48 -6.91 12.71 14.79
N ALA B 49 -7.25 12.02 15.87
CA ALA B 49 -7.97 12.65 16.98
C ALA B 49 -7.95 11.81 18.27
N ARG B 50 -8.01 12.52 19.39
CA ARG B 50 -8.07 11.90 20.71
C ARG B 50 -9.12 12.61 21.57
N ILE B 51 -9.92 11.79 22.25
CA ILE B 51 -10.81 12.25 23.33
C ILE B 51 -10.42 11.59 24.66
N ARG B 52 -10.35 12.38 25.72
CA ARG B 52 -10.06 11.86 27.07
C ARG B 52 -11.34 11.34 27.75
N SER B 53 -11.18 10.72 28.91
CA SER B 53 -12.33 10.21 29.63
C SER B 53 -13.02 11.34 30.42
N LYS B 54 -14.11 10.99 31.09
CA LYS B 54 -14.95 11.94 31.84
C LYS B 54 -14.18 12.72 32.90
N SER B 55 -13.34 12.00 33.64
CA SER B 55 -12.52 12.54 34.74
C SER B 55 -11.50 13.57 34.27
N ASN B 56 -11.09 13.47 33.00
CA ASN B 56 -10.23 14.47 32.39
C ASN B 56 -11.04 15.40 31.47
N ASN B 57 -12.31 15.58 31.81
CA ASN B 57 -13.18 16.60 31.20
C ASN B 57 -13.44 16.36 29.71
N TYR B 58 -13.28 15.10 29.26
CA TYR B 58 -13.44 14.71 27.85
C TYR B 58 -12.66 15.62 26.89
N ALA B 59 -11.50 16.11 27.30
CA ALA B 59 -10.65 16.92 26.45
C ALA B 59 -10.36 16.26 25.09
N THR B 60 -10.32 17.10 24.05
CA THR B 60 -10.14 16.67 22.68
C THR B 60 -9.00 17.43 22.03
N TYR B 61 -8.24 16.69 21.21
CA TYR B 61 -7.11 17.17 20.42
C TYR B 61 -7.23 16.58 19.01
N TYR B 62 -6.70 17.31 18.03
CA TYR B 62 -6.87 16.98 16.61
C TYR B 62 -5.59 17.16 15.81
N ALA B 63 -5.40 16.28 14.83
CA ALA B 63 -4.41 16.43 13.75
C ALA B 63 -4.81 17.65 12.93
N ASP B 64 -3.83 18.44 12.50
CA ASP B 64 -4.13 19.68 11.79
C ASP B 64 -4.78 19.44 10.43
N SER B 65 -4.60 18.22 9.90
CA SER B 65 -5.32 17.72 8.72
C SER B 65 -6.85 17.65 8.90
N VAL B 66 -7.33 17.57 10.13
CA VAL B 66 -8.77 17.33 10.35
C VAL B 66 -9.49 18.41 11.16
N LYS B 67 -8.75 19.42 11.58
CA LYS B 67 -9.29 20.52 12.41
C LYS B 67 -10.41 21.30 11.75
N ASP B 68 -11.43 21.62 12.56
CA ASP B 68 -12.64 22.32 12.13
C ASP B 68 -13.34 21.63 10.93
N ARG B 69 -13.09 20.33 10.82
CA ARG B 69 -13.72 19.43 9.86
C ARG B 69 -14.17 18.13 10.57
N PHE B 70 -13.37 17.65 11.50
CA PHE B 70 -13.71 16.44 12.26
C PHE B 70 -13.96 16.72 13.75
N THR B 71 -14.95 16.04 14.31
CA THR B 71 -15.19 16.05 15.73
C THR B 71 -15.14 14.62 16.29
N ILE B 72 -14.19 14.37 17.18
CA ILE B 72 -14.19 13.12 17.94
C ILE B 72 -15.09 13.29 19.18
N SER B 73 -15.89 12.29 19.47
CA SER B 73 -16.83 12.37 20.57
C SER B 73 -17.05 11.00 21.19
N ARG B 74 -17.87 10.96 22.22
CA ARG B 74 -18.20 9.70 22.84
C ARG B 74 -19.42 9.76 23.71
N ASP B 75 -19.92 8.57 24.07
CA ASP B 75 -21.02 8.37 24.97
C ASP B 75 -20.72 7.14 25.80
N ASP B 76 -20.49 7.38 27.10
CA ASP B 76 -20.08 6.36 28.06
C ASP B 76 -21.17 5.36 28.42
N SER B 77 -22.43 5.81 28.37
CA SER B 77 -23.55 4.94 28.63
C SER B 77 -23.73 3.96 27.48
N GLN B 78 -23.30 4.37 26.29
CA GLN B 78 -23.30 3.50 25.12
C GLN B 78 -22.02 2.66 24.99
N SER B 79 -21.01 3.01 25.81
CA SER B 79 -19.64 2.47 25.70
C SER B 79 -19.11 2.66 24.28
N MET B 80 -19.26 3.90 23.80
CA MET B 80 -19.15 4.22 22.37
C MET B 80 -18.35 5.47 22.08
N ILE B 81 -17.52 5.40 21.04
CA ILE B 81 -16.73 6.52 20.57
C ILE B 81 -17.11 6.80 19.12
N TYR B 82 -17.19 8.09 18.79
CA TYR B 82 -17.61 8.53 17.45
C TYR B 82 -16.56 9.39 16.78
N LEU B 83 -16.66 9.49 15.46
CA LEU B 83 -15.88 10.43 14.71
C LEU B 83 -16.81 11.07 13.71
N GLN B 84 -17.16 12.32 14.01
CA GLN B 84 -18.03 13.13 13.17
C GLN B 84 -17.12 13.73 12.09
N MET B 85 -17.25 13.23 10.86
CA MET B 85 -16.45 13.72 9.73
C MET B 85 -17.32 14.50 8.77
N ASN B 86 -16.93 15.73 8.50
CA ASN B 86 -17.72 16.65 7.68
C ASN B 86 -16.78 17.37 6.73
N ASN B 87 -17.32 17.91 5.64
CA ASN B 87 -16.50 18.58 4.62
C ASN B 87 -15.44 17.56 4.13
N LEU B 88 -15.88 16.32 3.96
CA LEU B 88 -15.00 15.22 3.55
C LEU B 88 -14.31 15.50 2.22
N LYS B 89 -13.02 15.17 2.14
CA LYS B 89 -12.21 15.34 0.94
C LYS B 89 -11.62 14.00 0.49
N THR B 90 -11.22 13.91 -0.77
CA THR B 90 -10.65 12.68 -1.34
C THR B 90 -9.46 12.10 -0.55
N GLU B 91 -8.61 12.98 -0.03
CA GLU B 91 -7.44 12.56 0.76
C GLU B 91 -7.80 12.08 2.16
N ASP B 92 -9.07 12.13 2.53
CA ASP B 92 -9.52 11.52 3.77
C ASP B 92 -9.82 10.02 3.55
N THR B 93 -9.65 9.55 2.31
CA THR B 93 -9.80 8.12 1.98
C THR B 93 -8.76 7.31 2.75
N ALA B 94 -9.23 6.41 3.60
CA ALA B 94 -8.36 5.66 4.52
C ALA B 94 -9.11 4.56 5.25
N MET B 95 -8.39 3.57 5.81
CA MET B 95 -8.97 2.74 6.83
C MET B 95 -8.93 3.57 8.12
N TYR B 96 -10.06 3.63 8.84
CA TYR B 96 -10.11 4.30 10.11
C TYR B 96 -10.10 3.33 11.26
N TYR B 97 -9.13 3.54 12.15
CA TYR B 97 -8.94 2.72 13.33
C TYR B 97 -9.14 3.54 14.59
N CYS B 98 -9.88 3.00 15.55
CA CYS B 98 -9.88 3.62 16.88
C CYS B 98 -8.92 2.81 17.75
N VAL B 99 -8.09 3.53 18.49
CA VAL B 99 -6.92 2.94 19.10
C VAL B 99 -6.85 3.36 20.57
N THR B 100 -6.70 2.37 21.44
CA THR B 100 -6.57 2.58 22.89
C THR B 100 -5.75 1.51 23.61
N TYR B 101 -5.91 1.47 24.93
CA TYR B 101 -5.01 0.88 25.89
C TYR B 101 -5.80 0.59 27.15
N GLY B 102 -5.59 -0.59 27.73
CA GLY B 102 -6.06 -0.84 29.08
C GLY B 102 -5.25 0.10 29.94
N ASN B 103 -3.94 -0.11 29.88
CA ASN B 103 -2.95 0.70 30.57
C ASN B 103 -1.61 0.64 29.83
N HIS B 104 -1.70 0.39 28.51
CA HIS B 104 -0.53 0.22 27.66
C HIS B 104 -0.78 0.95 26.35
N PRO B 105 -0.30 2.21 26.23
CA PRO B 105 -0.73 3.12 25.16
C PRO B 105 -0.79 2.55 23.73
N PHE B 106 -1.83 2.97 22.99
CA PHE B 106 -2.21 2.47 21.66
C PHE B 106 -2.21 0.93 21.45
N ALA B 107 -2.49 0.17 22.51
CA ALA B 107 -2.39 -1.29 22.49
C ALA B 107 -3.37 -2.01 21.56
N TYR B 108 -4.66 -1.76 21.77
CA TYR B 108 -5.73 -2.49 21.10
C TYR B 108 -6.28 -1.72 19.90
N TRP B 109 -5.99 -2.27 18.71
CA TRP B 109 -6.48 -1.83 17.41
C TRP B 109 -7.45 -2.88 16.87
N GLY B 110 -8.60 -2.43 16.38
CA GLY B 110 -9.51 -3.31 15.65
C GLY B 110 -9.14 -3.46 14.19
N GLN B 111 -10.03 -4.12 13.43
CA GLN B 111 -9.85 -4.35 12.00
C GLN B 111 -10.04 -3.08 11.19
N GLY B 112 -10.82 -2.16 11.71
CA GLY B 112 -11.07 -0.86 11.06
C GLY B 112 -12.38 -0.79 10.29
N THR B 113 -12.70 0.42 9.84
CA THR B 113 -13.81 0.67 8.92
C THR B 113 -13.25 1.49 7.74
N LEU B 114 -13.54 1.11 6.49
CA LEU B 114 -12.96 1.85 5.35
C LEU B 114 -13.87 2.97 4.88
N VAL B 115 -13.27 4.14 4.69
CA VAL B 115 -13.98 5.30 4.19
C VAL B 115 -13.40 5.64 2.84
N THR B 116 -14.24 5.66 1.82
CA THR B 116 -13.80 6.01 0.47
C THR B 116 -14.47 7.33 0.01
N VAL B 117 -13.69 8.40 -0.10
CA VAL B 117 -14.23 9.67 -0.61
C VAL B 117 -13.91 9.80 -2.09
N SER B 118 -14.90 9.51 -2.91
CA SER B 118 -14.80 9.57 -4.36
C SER B 118 -16.08 10.19 -4.89
N ALA B 119 -15.98 10.82 -6.05
CA ALA B 119 -17.14 11.32 -6.80
C ALA B 119 -17.41 10.41 -8.02
N ALA B 120 -16.72 9.29 -8.05
CA ALA B 120 -16.82 8.33 -9.14
C ALA B 120 -18.10 7.49 -9.09
N LYS B 121 -18.53 7.07 -10.29
CA LYS B 121 -19.67 6.19 -10.49
C LYS B 121 -19.15 4.80 -10.83
N THR B 122 -19.89 3.76 -10.45
CA THR B 122 -19.46 2.40 -10.80
C THR B 122 -19.19 2.34 -12.32
N THR B 123 -18.10 1.68 -12.71
CA THR B 123 -17.60 1.74 -14.08
C THR B 123 -17.03 0.37 -14.47
N PRO B 124 -17.52 -0.19 -15.59
CA PRO B 124 -16.95 -1.47 -15.97
C PRO B 124 -15.48 -1.26 -16.35
N PRO B 125 -14.62 -2.29 -16.15
CA PRO B 125 -13.25 -2.22 -16.65
C PRO B 125 -13.18 -2.41 -18.16
N SER B 126 -12.22 -1.76 -18.81
CA SER B 126 -11.81 -2.12 -20.17
C SER B 126 -10.71 -3.16 -20.00
N VAL B 127 -10.78 -4.25 -20.77
CA VAL B 127 -9.86 -5.38 -20.63
C VAL B 127 -9.08 -5.63 -21.92
N TYR B 128 -7.78 -5.40 -21.86
CA TYR B 128 -6.91 -5.45 -23.03
C TYR B 128 -5.91 -6.58 -22.92
N PRO B 129 -5.69 -7.32 -24.03
CA PRO B 129 -4.66 -8.34 -24.05
C PRO B 129 -3.25 -7.74 -24.19
N LEU B 130 -2.28 -8.33 -23.50
CA LEU B 130 -0.90 -7.93 -23.68
C LEU B 130 -0.13 -9.10 -24.27
N ALA B 131 0.05 -9.07 -25.58
CA ALA B 131 0.79 -10.09 -26.29
C ALA B 131 1.95 -9.46 -27.04
N PRO B 132 3.09 -10.15 -27.12
CA PRO B 132 4.13 -9.71 -28.04
C PRO B 132 3.82 -10.19 -29.47
N GLY B 133 4.52 -9.71 -30.49
CA GLY B 133 5.51 -8.65 -30.44
C GLY B 133 5.40 -7.99 -31.80
N CYS B 134 6.50 -7.44 -32.32
CA CYS B 134 6.41 -6.75 -33.61
C CYS B 134 7.55 -7.07 -34.59
N THR B 138 10.83 -15.44 -29.09
CA THR B 138 12.07 -16.00 -29.72
C THR B 138 12.76 -16.97 -28.76
N GLY B 139 12.37 -16.93 -27.49
CA GLY B 139 13.06 -17.69 -26.43
C GLY B 139 12.33 -18.87 -25.80
N SER B 140 12.77 -19.21 -24.59
CA SER B 140 12.33 -20.39 -23.86
C SER B 140 10.99 -20.17 -23.13
N SER B 141 10.88 -19.03 -22.45
CA SER B 141 9.63 -18.59 -21.80
C SER B 141 8.94 -17.50 -22.62
N VAL B 142 7.62 -17.45 -22.54
CA VAL B 142 6.87 -16.34 -23.11
C VAL B 142 6.01 -15.67 -22.03
N THR B 143 6.12 -14.34 -21.92
CA THR B 143 5.31 -13.56 -20.98
C THR B 143 4.12 -12.85 -21.63
N LEU B 144 2.95 -13.08 -21.06
CA LEU B 144 1.71 -12.49 -21.53
C LEU B 144 1.10 -11.71 -20.38
N GLY B 145 0.06 -10.92 -20.67
CA GLY B 145 -0.61 -10.14 -19.65
C GLY B 145 -1.97 -9.64 -20.07
N CYS B 146 -2.74 -9.20 -19.09
CA CYS B 146 -3.95 -8.43 -19.36
C CYS B 146 -3.90 -7.11 -18.60
N LEU B 147 -4.33 -6.04 -19.28
CA LEU B 147 -4.40 -4.68 -18.73
C LEU B 147 -5.84 -4.36 -18.38
N VAL B 148 -6.12 -4.11 -17.11
CA VAL B 148 -7.50 -3.99 -16.65
C VAL B 148 -7.76 -2.56 -16.17
N LYS B 149 -8.55 -1.83 -16.94
CA LYS B 149 -8.36 -0.40 -17.01
C LYS B 149 -9.63 0.42 -16.84
N GLY B 150 -9.59 1.38 -15.92
CA GLY B 150 -10.72 2.32 -15.73
C GLY B 150 -11.94 1.70 -15.08
N TYR B 151 -11.78 1.11 -13.91
CA TYR B 151 -12.92 0.52 -13.23
C TYR B 151 -13.17 1.15 -11.87
N PHE B 152 -14.42 1.08 -11.42
CA PHE B 152 -14.79 1.53 -10.08
C PHE B 152 -16.06 0.81 -9.69
N PRO B 153 -16.16 0.35 -8.42
CA PRO B 153 -15.15 0.43 -7.35
C PRO B 153 -14.08 -0.67 -7.46
N GLU B 154 -13.13 -0.68 -6.52
CA GLU B 154 -12.12 -1.74 -6.47
C GLU B 154 -12.79 -3.12 -6.31
N SER B 155 -11.97 -4.16 -6.49
CA SER B 155 -12.38 -5.56 -6.57
C SER B 155 -12.52 -5.95 -8.03
N VAL B 156 -11.38 -6.28 -8.64
CA VAL B 156 -11.35 -7.06 -9.87
C VAL B 156 -10.58 -8.34 -9.58
N THR B 157 -10.83 -9.37 -10.37
CA THR B 157 -10.07 -10.61 -10.26
C THR B 157 -9.72 -11.10 -11.65
N VAL B 158 -8.42 -11.20 -11.90
CA VAL B 158 -7.88 -11.78 -13.11
C VAL B 158 -7.47 -13.24 -12.86
N THR B 159 -8.19 -14.15 -13.48
CA THR B 159 -7.87 -15.57 -13.45
C THR B 159 -7.24 -15.95 -14.78
N TRP B 160 -6.03 -16.51 -14.74
CA TRP B 160 -5.42 -17.01 -15.96
C TRP B 160 -5.78 -18.48 -16.13
N ASN B 161 -6.24 -18.82 -17.33
CA ASN B 161 -6.70 -20.16 -17.64
C ASN B 161 -5.76 -20.77 -18.67
N SER B 167 2.34 -21.29 -9.36
CA SER B 167 1.79 -20.51 -10.51
C SER B 167 2.64 -19.25 -10.74
N SER B 168 3.12 -19.08 -11.97
CA SER B 168 4.03 -17.99 -12.29
C SER B 168 3.24 -16.77 -12.76
N VAL B 169 2.40 -16.27 -11.85
CA VAL B 169 1.50 -15.14 -12.10
C VAL B 169 1.91 -13.97 -11.20
N HIS B 170 1.96 -12.78 -11.78
CA HIS B 170 2.14 -11.59 -10.97
C HIS B 170 0.85 -10.82 -11.06
N THR B 171 0.32 -10.42 -9.92
CA THR B 171 -0.88 -9.63 -9.90
C THR B 171 -0.51 -8.24 -9.35
N PHE B 172 -0.50 -7.26 -10.23
CA PHE B 172 -0.07 -5.91 -9.80
C PHE B 172 -1.21 -5.16 -9.11
N PRO B 173 -0.97 -4.71 -7.86
CA PRO B 173 -1.98 -3.95 -7.13
C PRO B 173 -2.37 -2.67 -7.89
N ALA B 174 -3.63 -2.28 -7.74
CA ALA B 174 -4.25 -1.22 -8.51
C ALA B 174 -3.83 0.18 -8.07
N LEU B 175 -3.85 1.10 -9.03
CA LEU B 175 -3.47 2.50 -8.83
C LEU B 175 -4.63 3.37 -9.19
N LEU B 176 -4.82 4.44 -8.44
CA LEU B 176 -5.90 5.37 -8.72
C LEU B 176 -5.46 6.31 -9.86
N GLN B 177 -6.23 6.30 -10.95
CA GLN B 177 -5.98 7.16 -12.10
C GLN B 177 -7.15 8.09 -12.28
N SER B 178 -6.94 9.37 -11.95
CA SER B 178 -7.99 10.38 -12.03
C SER B 178 -9.40 9.78 -11.78
N GLY B 179 -9.61 9.34 -10.54
CA GLY B 179 -10.91 8.80 -10.16
C GLY B 179 -11.12 7.31 -10.41
N LEU B 180 -10.38 6.72 -11.36
CA LEU B 180 -10.62 5.30 -11.71
C LEU B 180 -9.42 4.36 -11.48
N TYR B 181 -9.70 3.07 -11.28
CA TYR B 181 -8.63 2.11 -11.00
C TYR B 181 -8.10 1.44 -12.26
N THR B 182 -6.81 1.15 -12.27
CA THR B 182 -6.16 0.37 -13.32
C THR B 182 -5.23 -0.67 -12.69
N MET B 183 -5.33 -1.91 -13.12
CA MET B 183 -4.36 -2.90 -12.71
C MET B 183 -3.95 -3.73 -13.90
N SER B 184 -2.95 -4.56 -13.72
CA SER B 184 -2.49 -5.44 -14.78
C SER B 184 -2.06 -6.73 -14.12
N SER B 185 -2.08 -7.81 -14.87
CA SER B 185 -1.63 -9.13 -14.41
C SER B 185 -0.75 -9.73 -15.48
N SER B 186 0.38 -10.32 -15.08
CA SER B 186 1.23 -11.10 -15.98
C SER B 186 1.19 -12.63 -15.76
N VAL B 187 1.29 -13.38 -16.85
CA VAL B 187 1.57 -14.80 -16.79
C VAL B 187 2.82 -15.09 -17.65
N THR B 188 3.56 -16.12 -17.26
CA THR B 188 4.71 -16.57 -18.00
C THR B 188 4.53 -18.08 -18.14
N VAL B 189 4.53 -18.56 -19.38
CA VAL B 189 4.47 -20.01 -19.68
C VAL B 189 5.67 -20.41 -20.58
N PRO B 190 5.97 -21.73 -20.68
CA PRO B 190 6.95 -22.12 -21.70
C PRO B 190 6.47 -21.73 -23.09
N SER B 191 7.40 -21.50 -24.02
CA SER B 191 7.05 -21.13 -25.41
C SER B 191 6.39 -22.26 -26.16
N SER B 192 6.75 -23.49 -25.80
CA SER B 192 6.13 -24.71 -26.32
C SER B 192 4.62 -24.78 -26.05
N THR B 193 4.08 -23.86 -25.26
CA THR B 193 2.64 -23.86 -24.96
C THR B 193 1.82 -22.66 -25.51
N TRP B 194 2.50 -21.63 -26.00
CA TRP B 194 1.85 -20.47 -26.60
C TRP B 194 2.71 -19.89 -27.73
N PRO B 195 2.09 -19.61 -28.90
CA PRO B 195 0.65 -19.62 -29.19
C PRO B 195 0.02 -20.97 -29.59
N SER B 196 0.79 -22.06 -29.53
CA SER B 196 0.29 -23.38 -29.98
C SER B 196 -1.01 -23.81 -29.30
N GLN B 197 -1.25 -23.33 -28.07
CA GLN B 197 -2.56 -23.52 -27.45
C GLN B 197 -3.04 -22.35 -26.58
N THR B 198 -4.32 -22.42 -26.21
CA THR B 198 -5.12 -21.31 -25.68
C THR B 198 -4.71 -20.79 -24.30
N VAL B 199 -4.36 -19.51 -24.25
CA VAL B 199 -4.17 -18.77 -22.99
C VAL B 199 -5.19 -17.63 -22.93
N THR B 200 -5.93 -17.57 -21.83
CA THR B 200 -7.01 -16.61 -21.64
C THR B 200 -6.93 -16.04 -20.22
N CYS B 201 -7.13 -14.72 -20.09
CA CYS B 201 -7.32 -14.11 -18.78
C CYS B 201 -8.82 -13.85 -18.58
N SER B 202 -9.38 -14.35 -17.49
CA SER B 202 -10.78 -14.07 -17.16
C SER B 202 -10.79 -12.97 -16.10
N VAL B 203 -11.48 -11.88 -16.40
CA VAL B 203 -11.55 -10.72 -15.49
C VAL B 203 -12.97 -10.55 -14.97
N ALA B 204 -13.15 -10.67 -13.65
CA ALA B 204 -14.46 -10.40 -13.02
C ALA B 204 -14.46 -9.03 -12.33
N HIS B 205 -15.46 -8.20 -12.60
CA HIS B 205 -15.69 -6.96 -11.83
C HIS B 205 -17.12 -7.00 -11.30
N PRO B 206 -17.32 -7.64 -10.12
CA PRO B 206 -18.66 -7.87 -9.57
C PRO B 206 -19.55 -6.61 -9.43
N ALA B 207 -18.99 -5.46 -9.11
CA ALA B 207 -19.83 -4.28 -8.88
C ALA B 207 -20.53 -3.78 -10.15
N SER B 208 -19.94 -4.01 -11.32
CA SER B 208 -20.63 -3.73 -12.59
C SER B 208 -21.11 -4.99 -13.34
N SER B 209 -21.12 -6.13 -12.65
CA SER B 209 -21.61 -7.42 -13.21
C SER B 209 -20.85 -7.93 -14.43
N THR B 210 -19.57 -7.58 -14.51
CA THR B 210 -18.75 -7.84 -15.69
C THR B 210 -17.86 -9.05 -15.50
N THR B 211 -17.80 -9.87 -16.54
CA THR B 211 -16.82 -10.95 -16.61
C THR B 211 -16.37 -11.04 -18.06
N VAL B 212 -15.14 -10.60 -18.31
CA VAL B 212 -14.52 -10.68 -19.63
C VAL B 212 -13.55 -11.85 -19.65
N ASP B 213 -13.68 -12.71 -20.67
CA ASP B 213 -12.68 -13.71 -20.99
C ASP B 213 -11.91 -13.21 -22.20
N LYS B 214 -10.61 -12.99 -22.03
CA LYS B 214 -9.82 -12.53 -23.16
C LYS B 214 -8.79 -13.58 -23.54
N LYS B 215 -8.96 -14.18 -24.72
CA LYS B 215 -7.96 -15.09 -25.24
C LYS B 215 -6.83 -14.29 -25.85
N LEU B 216 -5.60 -14.70 -25.58
CA LEU B 216 -4.43 -14.00 -26.12
C LEU B 216 -3.99 -14.58 -27.45
N GLU B 217 -3.95 -13.69 -28.43
CA GLU B 217 -3.61 -14.02 -29.79
C GLU B 217 -2.21 -13.49 -30.10
N PRO B 218 -1.38 -14.27 -30.82
CA PRO B 218 -0.07 -13.79 -31.29
C PRO B 218 -0.18 -12.47 -32.06
C1 GOL C . -19.90 3.19 -7.13
O1 GOL C . -19.59 2.12 -6.26
C2 GOL C . -21.10 3.94 -6.58
O2 GOL C . -22.15 3.03 -6.30
C3 GOL C . -21.55 5.06 -7.49
O3 GOL C . -22.12 4.55 -8.67
#